data_2F5M
#
_entry.id   2F5M
#
_cell.length_a   59.280
_cell.length_b   59.280
_cell.length_c   81.550
_cell.angle_alpha   90.00
_cell.angle_beta   90.00
_cell.angle_gamma   120.00
#
_symmetry.space_group_name_H-M   'P 32'
#
loop_
_entity.id
_entity.type
_entity.pdbx_description
1 polymer Ribonuclease
2 non-polymer 2-BROMOETHANOL
3 water water
#
_entity_poly.entity_id   1
_entity_poly.type   'polypeptide(L)'
_entity_poly.pdbx_seq_one_letter_code
;VINTFDGVADYLQTYHKLPDNYITKSEAQALGWVASKGNLADVAPGKSIGGDIFSNREGKLPGKSGRTWREADINYTSGF
RNSDRILYSSDWLIYKTTDHYQTFTKIR
;
_entity_poly.pdbx_strand_id   A,B,C
#
loop_
_chem_comp.id
_chem_comp.type
_chem_comp.name
_chem_comp.formula
BRJ non-polymer 2-BROMOETHANOL 'C2 H5 Br O'
#
# COMPACT_ATOMS: atom_id res chain seq x y z
N VAL A 1 6.01 -2.28 7.19
CA VAL A 1 5.98 -2.09 5.72
C VAL A 1 7.27 -1.47 5.23
N ILE A 2 7.68 -0.28 5.64
CA ILE A 2 8.98 0.26 5.24
C ILE A 2 9.86 0.37 6.49
N ASN A 3 10.87 -0.48 6.57
CA ASN A 3 11.71 -0.61 7.77
C ASN A 3 13.14 -0.97 7.44
N THR A 4 13.59 -0.74 6.21
CA THR A 4 14.97 -0.97 5.83
C THR A 4 15.74 0.34 5.93
N PHE A 5 17.06 0.28 6.05
CA PHE A 5 17.85 1.50 6.09
C PHE A 5 17.59 2.38 4.88
N ASP A 6 17.62 1.80 3.69
CA ASP A 6 17.54 2.63 2.48
C ASP A 6 16.18 3.25 2.23
N GLY A 7 15.18 2.45 2.45
CA GLY A 7 13.75 2.70 2.40
C GLY A 7 13.34 3.81 3.32
N VAL A 8 13.71 3.69 4.60
CA VAL A 8 13.36 4.73 5.55
C VAL A 8 14.16 6.00 5.29
N ALA A 9 15.44 5.84 4.96
CA ALA A 9 16.31 6.96 4.63
C ALA A 9 15.74 7.80 3.49
N ASP A 10 15.36 7.15 2.39
CA ASP A 10 14.79 7.90 1.27
C ASP A 10 13.45 8.51 1.60
N TYR A 11 12.63 7.81 2.37
CA TYR A 11 11.34 8.34 2.79
C TYR A 11 11.52 9.60 3.60
N LEU A 12 12.49 9.64 4.51
CA LEU A 12 12.70 10.81 5.33
C LEU A 12 13.15 12.07 4.59
N GLN A 13 14.12 11.90 3.69
CA GLN A 13 14.66 13.04 2.96
C GLN A 13 13.67 13.66 1.99
N THR A 14 12.76 12.84 1.47
CA THR A 14 11.76 13.25 0.51
C THR A 14 10.51 13.80 1.18
N TYR A 15 9.92 13.00 2.07
CA TYR A 15 8.62 13.34 2.65
C TYR A 15 8.74 14.01 4.01
N HIS A 16 9.94 14.00 4.57
CA HIS A 16 10.27 14.63 5.84
C HIS A 16 9.45 14.12 7.01
N LYS A 17 9.14 12.84 7.00
CA LYS A 17 8.52 12.20 8.16
C LYS A 17 8.70 10.68 8.07
N LEU A 18 8.53 9.99 9.19
CA LEU A 18 8.64 8.53 9.16
C LEU A 18 7.46 7.88 8.46
N PRO A 19 7.67 6.73 7.83
CA PRO A 19 6.52 5.98 7.33
C PRO A 19 5.56 5.63 8.49
N ASP A 20 4.34 5.30 8.09
CA ASP A 20 3.22 5.08 8.99
C ASP A 20 3.40 3.91 9.94
N ASN A 21 4.39 3.07 9.72
CA ASN A 21 4.53 1.91 10.58
C ASN A 21 5.36 2.21 11.82
N TYR A 22 5.63 3.48 12.09
CA TYR A 22 6.43 3.83 13.26
C TYR A 22 5.60 4.43 14.38
N ILE A 23 5.91 4.04 15.61
CA ILE A 23 5.31 4.67 16.79
C ILE A 23 6.42 5.03 17.77
N THR A 24 6.27 6.12 18.51
CA THR A 24 7.26 6.49 19.51
C THR A 24 7.16 5.53 20.70
N LYS A 25 8.16 5.56 21.57
CA LYS A 25 8.14 4.63 22.71
C LYS A 25 6.93 4.91 23.61
N SER A 26 6.57 6.19 23.73
CA SER A 26 5.45 6.64 24.52
C SER A 26 4.12 6.06 24.09
N GLU A 27 3.81 6.11 22.83
CA GLU A 27 2.70 5.56 22.09
C GLU A 27 2.66 4.05 22.32
N ALA A 28 3.79 3.42 22.11
CA ALA A 28 3.90 1.97 22.29
C ALA A 28 3.60 1.61 23.74
N GLN A 29 4.17 2.34 24.70
CA GLN A 29 3.87 2.03 26.08
C GLN A 29 2.37 2.17 26.37
N ALA A 30 1.70 3.13 25.75
CA ALA A 30 0.29 3.37 25.96
C ALA A 30 -0.60 2.26 25.39
N LEU A 31 -0.07 1.47 24.47
CA LEU A 31 -0.76 0.34 23.87
C LEU A 31 -0.42 -0.96 24.59
N GLY A 32 0.37 -0.89 25.66
CA GLY A 32 0.67 -2.09 26.39
C GLY A 32 2.04 -2.66 26.12
N TRP A 33 2.87 -1.90 25.40
CA TRP A 33 4.26 -2.32 25.24
C TRP A 33 5.01 -2.33 26.57
N VAL A 34 5.68 -3.48 26.98
CA VAL A 34 6.59 -3.74 28.13
C VAL A 34 7.85 -4.30 27.49
N ALA A 35 8.83 -3.40 27.45
CA ALA A 35 10.13 -3.70 26.87
C ALA A 35 10.72 -5.01 27.40
N SER A 36 10.57 -5.24 28.70
CA SER A 36 11.20 -6.41 29.31
C SER A 36 10.52 -7.70 28.90
N LYS A 37 9.44 -7.62 28.15
CA LYS A 37 8.67 -8.78 27.72
C LYS A 37 8.81 -9.01 26.23
N GLY A 38 9.45 -8.07 25.53
CA GLY A 38 9.67 -8.24 24.11
C GLY A 38 8.40 -8.37 23.31
N ASN A 39 7.34 -7.74 23.78
CA ASN A 39 6.00 -7.99 23.19
C ASN A 39 5.50 -6.99 22.15
N LEU A 40 6.30 -6.10 21.58
CA LEU A 40 5.74 -5.04 20.74
C LEU A 40 4.86 -5.54 19.60
N ALA A 41 5.25 -6.61 18.94
CA ALA A 41 4.48 -7.18 17.85
C ALA A 41 3.14 -7.74 18.30
N ASP A 42 2.95 -8.08 19.57
CA ASP A 42 1.65 -8.53 20.02
C ASP A 42 0.68 -7.36 20.22
N VAL A 43 1.19 -6.27 20.77
CA VAL A 43 0.29 -5.15 21.07
C VAL A 43 0.21 -4.16 19.93
N ALA A 44 1.18 -4.19 19.03
CA ALA A 44 1.25 -3.25 17.91
C ALA A 44 1.78 -3.93 16.65
N PRO A 45 1.06 -4.92 16.15
CA PRO A 45 1.52 -5.70 15.00
C PRO A 45 1.93 -4.84 13.82
N GLY A 46 3.07 -5.10 13.19
CA GLY A 46 3.53 -4.29 12.07
C GLY A 46 4.13 -2.95 12.39
N LYS A 47 4.22 -2.59 13.67
CA LYS A 47 4.79 -1.29 14.02
C LYS A 47 6.22 -1.49 14.52
N SER A 48 6.97 -0.40 14.41
CA SER A 48 8.32 -0.31 14.92
C SER A 48 8.41 0.98 15.74
N ILE A 49 9.32 0.96 16.71
CA ILE A 49 9.64 2.12 17.52
C ILE A 49 10.44 3.10 16.66
N GLY A 50 10.02 4.35 16.67
CA GLY A 50 10.70 5.38 15.91
C GLY A 50 10.12 6.76 16.14
N GLY A 51 10.97 7.77 15.99
CA GLY A 51 10.57 9.16 16.06
C GLY A 51 11.00 9.85 17.33
N ASP A 52 11.53 9.10 18.28
CA ASP A 52 11.98 9.72 19.52
C ASP A 52 13.23 10.53 19.31
N ILE A 53 13.38 11.59 20.10
CA ILE A 53 14.58 12.39 20.06
C ILE A 53 15.76 11.63 20.66
N PHE A 54 16.89 11.74 19.96
CA PHE A 54 18.12 11.10 20.41
C PHE A 54 19.02 12.20 20.98
N SER A 55 19.48 12.02 22.21
CA SER A 55 20.16 13.09 22.93
C SER A 55 21.55 13.38 22.39
N ASN A 56 22.23 12.38 21.85
CA ASN A 56 23.58 12.56 21.32
C ASN A 56 24.52 13.04 22.42
N ARG A 57 24.35 12.44 23.59
CA ARG A 57 25.04 12.77 24.82
C ARG A 57 26.56 12.85 24.62
N GLU A 58 27.06 11.86 23.90
CA GLU A 58 28.47 11.58 23.68
C GLU A 58 29.02 12.40 22.53
N GLY A 59 28.17 13.26 21.97
CA GLY A 59 28.53 14.16 20.91
C GLY A 59 29.09 13.46 19.69
N LYS A 60 28.56 12.29 19.38
CA LYS A 60 29.13 11.56 18.24
C LYS A 60 28.54 12.04 16.93
N LEU A 61 27.25 12.34 16.89
CA LEU A 61 26.70 12.87 15.64
C LEU A 61 27.07 14.34 15.52
N PRO A 62 27.24 14.82 14.32
CA PRO A 62 27.59 16.24 14.14
C PRO A 62 26.49 17.13 14.73
N GLY A 63 26.93 18.03 15.62
CA GLY A 63 26.01 18.93 16.27
C GLY A 63 26.05 20.33 15.70
N LYS A 64 24.94 21.01 15.83
CA LYS A 64 24.73 22.37 15.38
C LYS A 64 23.59 22.98 16.16
N SER A 65 23.72 24.25 16.51
CA SER A 65 22.64 24.92 17.21
C SER A 65 21.37 24.81 16.36
N GLY A 66 20.28 24.44 17.04
CA GLY A 66 19.03 24.23 16.35
C GLY A 66 18.90 22.88 15.67
N ARG A 67 19.96 22.08 15.56
CA ARG A 67 19.72 20.77 14.95
C ARG A 67 19.47 19.74 16.06
N THR A 68 18.35 19.07 15.99
CA THR A 68 17.81 17.98 16.76
C THR A 68 17.91 16.66 15.99
N TRP A 69 18.34 15.66 16.73
CA TRP A 69 18.47 14.30 16.20
C TRP A 69 17.34 13.41 16.69
N ARG A 70 16.83 12.59 15.79
CA ARG A 70 15.86 11.59 16.19
C ARG A 70 16.33 10.20 15.77
N GLU A 71 15.71 9.17 16.32
CA GLU A 71 16.04 7.80 15.96
C GLU A 71 14.83 7.00 15.54
N ALA A 72 15.10 5.90 14.87
CA ALA A 72 14.09 4.93 14.50
C ALA A 72 14.72 3.55 14.37
N ASP A 73 13.94 2.55 14.73
CA ASP A 73 14.39 1.16 14.63
C ASP A 73 14.35 0.69 13.19
N ILE A 74 15.38 -0.07 12.81
CA ILE A 74 15.46 -0.64 11.47
C ILE A 74 15.50 -2.15 11.54
N ASN A 75 14.88 -2.78 10.54
CA ASN A 75 14.82 -4.22 10.44
C ASN A 75 14.08 -4.91 11.58
N TYR A 76 13.23 -4.20 12.31
CA TYR A 76 12.45 -4.85 13.36
C TYR A 76 11.24 -5.57 12.79
N THR A 77 10.99 -6.79 13.24
CA THR A 77 9.74 -7.49 12.93
C THR A 77 9.04 -8.01 14.18
N SER A 78 9.77 -8.60 15.13
CA SER A 78 9.14 -9.09 16.35
C SER A 78 10.17 -9.40 17.43
N GLY A 79 9.70 -9.59 18.66
CA GLY A 79 10.61 -9.90 19.75
C GLY A 79 11.18 -8.65 20.39
N PHE A 80 12.28 -8.80 21.10
CA PHE A 80 13.02 -7.68 21.65
C PHE A 80 13.56 -6.82 20.53
N ARG A 81 13.79 -5.54 20.82
CA ARG A 81 14.39 -4.69 19.79
C ARG A 81 15.80 -5.15 19.44
N ASN A 82 16.18 -4.95 18.18
CA ASN A 82 17.52 -5.31 17.70
C ASN A 82 18.49 -4.17 18.01
N SER A 83 19.65 -4.16 17.39
CA SER A 83 20.64 -3.12 17.63
C SER A 83 20.75 -2.11 16.49
N ASP A 84 19.87 -2.12 15.52
CA ASP A 84 19.85 -1.29 14.33
C ASP A 84 18.97 -0.06 14.48
N ARG A 85 19.58 1.10 14.22
CA ARG A 85 18.90 2.36 14.23
C ARG A 85 19.37 3.25 13.08
N ILE A 86 18.41 4.01 12.60
CA ILE A 86 18.64 5.16 11.74
C ILE A 86 18.56 6.40 12.61
N LEU A 87 19.53 7.30 12.41
CA LEU A 87 19.62 8.58 13.09
C LEU A 87 19.41 9.67 12.04
N TYR A 88 18.45 10.56 12.26
CA TYR A 88 18.14 11.59 11.27
C TYR A 88 18.05 12.94 11.96
N SER A 89 18.65 13.94 11.33
CA SER A 89 18.59 15.30 11.82
C SER A 89 17.43 16.08 11.19
N SER A 90 17.18 17.23 11.80
CA SER A 90 16.10 18.07 11.27
C SER A 90 16.51 18.69 9.94
N ASP A 91 17.79 18.67 9.61
CA ASP A 91 18.17 19.10 8.25
C ASP A 91 18.45 17.91 7.33
N TRP A 92 18.04 16.72 7.74
CA TRP A 92 17.91 15.50 6.95
C TRP A 92 19.24 14.86 6.57
N LEU A 93 20.20 15.00 7.47
CA LEU A 93 21.40 14.20 7.56
C LEU A 93 21.02 12.80 8.05
N ILE A 94 21.49 11.75 7.39
CA ILE A 94 21.04 10.42 7.80
C ILE A 94 22.22 9.54 8.15
N TYR A 95 22.24 9.06 9.38
CA TYR A 95 23.29 8.16 9.85
C TYR A 95 22.71 6.81 10.29
N LYS A 96 23.54 5.78 10.26
CA LYS A 96 23.06 4.48 10.73
C LYS A 96 23.98 3.95 11.81
N THR A 97 23.39 3.16 12.70
CA THR A 97 24.24 2.41 13.63
C THR A 97 23.73 0.98 13.69
N THR A 98 24.64 0.03 13.83
CA THR A 98 24.23 -1.36 13.97
C THR A 98 24.74 -1.93 15.28
N ASP A 99 25.17 -1.07 16.19
CA ASP A 99 25.82 -1.55 17.42
C ASP A 99 25.33 -0.80 18.64
N HIS A 100 24.04 -0.48 18.68
CA HIS A 100 23.51 0.22 19.85
C HIS A 100 24.14 1.56 20.17
N TYR A 101 24.24 2.42 19.18
CA TYR A 101 24.66 3.81 19.19
C TYR A 101 26.12 4.00 19.57
N GLN A 102 26.95 2.98 19.35
CA GLN A 102 28.37 3.09 19.65
C GLN A 102 29.13 3.70 18.47
N THR A 103 28.80 3.22 17.28
CA THR A 103 29.40 3.68 16.03
C THR A 103 28.33 4.19 15.08
N PHE A 104 28.62 5.29 14.40
CA PHE A 104 27.75 5.87 13.40
C PHE A 104 28.48 6.07 12.08
N THR A 105 27.81 5.75 10.98
CA THR A 105 28.35 6.11 9.67
C THR A 105 27.25 6.75 8.82
N LYS A 106 27.65 7.60 7.89
CA LYS A 106 26.69 8.36 7.08
C LYS A 106 26.05 7.48 6.02
N ILE A 107 24.74 7.58 5.80
CA ILE A 107 24.13 6.86 4.68
C ILE A 107 23.40 7.79 3.72
N ARG A 108 23.10 9.02 4.09
CA ARG A 108 22.62 10.07 3.21
C ARG A 108 23.14 11.44 3.68
N VAL B 1 0.22 -22.55 -26.30
CA VAL B 1 -0.38 -23.60 -25.47
C VAL B 1 -1.15 -22.97 -24.32
N ILE B 2 -0.53 -22.10 -23.52
CA ILE B 2 -1.27 -21.41 -22.46
C ILE B 2 -1.45 -19.94 -22.86
N ASN B 3 -2.69 -19.61 -23.20
CA ASN B 3 -2.85 -18.28 -23.76
C ASN B 3 -4.23 -17.71 -23.49
N THR B 4 -4.83 -18.13 -22.39
CA THR B 4 -6.15 -17.67 -22.00
C THR B 4 -6.00 -16.72 -20.80
N PHE B 5 -7.00 -15.89 -20.57
CA PHE B 5 -6.93 -14.94 -19.47
C PHE B 5 -6.62 -15.65 -18.16
N ASP B 6 -7.34 -16.73 -17.85
CA ASP B 6 -7.16 -17.39 -16.57
C ASP B 6 -5.86 -18.17 -16.46
N GLY B 7 -5.53 -18.94 -17.49
CA GLY B 7 -4.29 -19.71 -17.44
C GLY B 7 -3.07 -18.82 -17.35
N VAL B 8 -3.05 -17.73 -18.13
CA VAL B 8 -1.90 -16.84 -18.09
C VAL B 8 -1.84 -16.08 -16.77
N ALA B 9 -3.00 -15.66 -16.27
CA ALA B 9 -3.04 -14.93 -15.00
C ALA B 9 -2.52 -15.78 -13.85
N ASP B 10 -2.93 -17.02 -13.77
CA ASP B 10 -2.48 -17.92 -12.72
C ASP B 10 -0.98 -18.21 -12.85
N TYR B 11 -0.53 -18.44 -14.08
CA TYR B 11 0.89 -18.69 -14.33
C TYR B 11 1.77 -17.55 -13.88
N LEU B 12 1.32 -16.33 -14.21
CA LEU B 12 2.04 -15.14 -13.85
C LEU B 12 2.19 -14.94 -12.34
N GLN B 13 1.08 -15.05 -11.63
CA GLN B 13 1.07 -14.79 -10.20
C GLN B 13 1.92 -15.80 -9.43
N THR B 14 2.07 -16.99 -10.02
CA THR B 14 2.78 -18.09 -9.42
C THR B 14 4.23 -18.17 -9.87
N TYR B 15 4.49 -18.15 -11.17
CA TYR B 15 5.86 -18.33 -11.67
C TYR B 15 6.54 -17.01 -11.97
N HIS B 16 5.77 -15.92 -12.02
CA HIS B 16 6.24 -14.56 -12.17
C HIS B 16 6.92 -14.34 -13.52
N LYS B 17 6.41 -15.06 -14.51
CA LYS B 17 6.83 -14.89 -15.89
C LYS B 17 5.79 -15.50 -16.83
N LEU B 18 5.88 -15.10 -18.10
CA LEU B 18 4.94 -15.62 -19.09
C LEU B 18 5.29 -17.07 -19.41
N PRO B 19 4.30 -17.83 -19.85
CA PRO B 19 4.53 -19.17 -20.38
C PRO B 19 5.50 -19.14 -21.56
N ASP B 20 6.10 -20.26 -21.90
CA ASP B 20 7.13 -20.38 -22.92
C ASP B 20 6.63 -20.09 -24.34
N ASN B 21 5.33 -20.02 -24.57
CA ASN B 21 4.81 -19.67 -25.90
C ASN B 21 4.80 -18.17 -26.17
N TYR B 22 5.41 -17.35 -25.33
CA TYR B 22 5.39 -15.90 -25.54
C TYR B 22 6.75 -15.37 -25.95
N ILE B 23 6.73 -14.39 -26.85
CA ILE B 23 7.94 -13.71 -27.29
C ILE B 23 7.67 -12.21 -27.40
N THR B 24 8.71 -11.42 -27.17
CA THR B 24 8.46 -9.98 -27.22
C THR B 24 8.41 -9.53 -28.67
N LYS B 25 7.93 -8.32 -28.89
CA LYS B 25 7.84 -7.76 -30.23
C LYS B 25 9.21 -7.70 -30.90
N SER B 26 10.28 -7.44 -30.14
CA SER B 26 11.59 -7.35 -30.80
C SER B 26 12.13 -8.72 -31.21
N GLU B 27 11.89 -9.75 -30.43
CA GLU B 27 12.17 -11.14 -30.65
C GLU B 27 11.38 -11.56 -31.90
N ALA B 28 10.11 -11.19 -31.94
CA ALA B 28 9.30 -11.52 -33.10
C ALA B 28 9.85 -10.87 -34.37
N GLN B 29 10.18 -9.59 -34.24
CA GLN B 29 10.65 -8.89 -35.44
C GLN B 29 11.92 -9.53 -35.96
N ALA B 30 12.76 -10.00 -35.04
CA ALA B 30 14.03 -10.60 -35.41
C ALA B 30 13.83 -11.91 -36.18
N LEU B 31 12.66 -12.50 -36.04
CA LEU B 31 12.37 -13.77 -36.70
C LEU B 31 11.72 -13.54 -38.05
N GLY B 32 11.45 -12.27 -38.35
CA GLY B 32 10.80 -12.01 -39.62
C GLY B 32 9.32 -11.71 -39.48
N TRP B 33 8.93 -11.39 -38.25
CA TRP B 33 7.56 -10.95 -38.09
C TRP B 33 7.37 -9.58 -38.74
N VAL B 34 6.57 -9.20 -39.68
CA VAL B 34 5.96 -8.07 -40.29
C VAL B 34 4.49 -7.90 -39.91
N ALA B 35 4.28 -6.97 -38.98
CA ALA B 35 2.98 -6.68 -38.40
C ALA B 35 1.96 -6.48 -39.51
N SER B 36 2.39 -5.75 -40.53
CA SER B 36 1.44 -5.35 -41.57
C SER B 36 1.06 -6.54 -42.43
N LYS B 37 1.74 -7.67 -42.28
CA LYS B 37 1.37 -8.89 -42.98
C LYS B 37 0.52 -9.84 -42.14
N GLY B 38 0.52 -9.72 -40.83
CA GLY B 38 -0.30 -10.61 -40.03
C GLY B 38 0.22 -12.03 -40.04
N ASN B 39 1.52 -12.15 -40.19
CA ASN B 39 2.24 -13.41 -40.39
C ASN B 39 2.85 -14.11 -39.16
N LEU B 40 2.52 -13.71 -37.95
CA LEU B 40 3.32 -14.16 -36.81
C LEU B 40 3.29 -15.68 -36.72
N ALA B 41 2.10 -16.26 -36.89
CA ALA B 41 2.02 -17.70 -36.75
C ALA B 41 2.76 -18.41 -37.87
N ASP B 42 3.02 -17.76 -39.01
CA ASP B 42 3.81 -18.40 -40.06
C ASP B 42 5.30 -18.45 -39.70
N VAL B 43 5.79 -17.39 -39.03
CA VAL B 43 7.22 -17.33 -38.76
C VAL B 43 7.61 -18.05 -37.48
N ALA B 44 6.75 -17.98 -36.48
CA ALA B 44 6.96 -18.63 -35.19
C ALA B 44 5.68 -19.31 -34.75
N PRO B 45 5.42 -20.46 -35.34
CA PRO B 45 4.17 -21.17 -35.06
C PRO B 45 4.04 -21.48 -33.57
N GLY B 46 2.85 -21.22 -33.03
CA GLY B 46 2.57 -21.47 -31.64
C GLY B 46 2.92 -20.31 -30.71
N LYS B 47 3.58 -19.29 -31.23
CA LYS B 47 4.01 -18.17 -30.39
C LYS B 47 2.97 -17.05 -30.36
N SER B 48 2.95 -16.33 -29.25
CA SER B 48 2.19 -15.09 -29.14
C SER B 48 3.11 -13.95 -28.70
N ILE B 49 2.74 -12.72 -29.06
CA ILE B 49 3.40 -11.55 -28.54
C ILE B 49 3.06 -11.27 -27.08
N GLY B 50 4.11 -11.11 -26.27
CA GLY B 50 3.94 -10.78 -24.89
C GLY B 50 5.23 -10.44 -24.17
N GLY B 51 5.11 -9.62 -23.13
CA GLY B 51 6.22 -9.32 -22.26
C GLY B 51 6.69 -7.89 -22.30
N ASP B 52 6.17 -7.12 -23.25
CA ASP B 52 6.58 -5.74 -23.43
C ASP B 52 5.97 -4.82 -22.37
N ILE B 53 6.71 -3.80 -22.00
CA ILE B 53 6.30 -2.76 -21.09
C ILE B 53 5.07 -2.04 -21.66
N PHE B 54 4.06 -1.88 -20.84
CA PHE B 54 2.88 -1.10 -21.14
C PHE B 54 2.95 0.25 -20.43
N SER B 55 2.83 1.31 -21.23
CA SER B 55 3.09 2.66 -20.80
C SER B 55 2.08 3.21 -19.80
N ASN B 56 0.82 2.84 -19.89
CA ASN B 56 -0.24 3.29 -19.00
C ASN B 56 -0.32 4.82 -19.06
N ARG B 57 -0.20 5.34 -20.27
CA ARG B 57 -0.19 6.77 -20.55
C ARG B 57 -1.49 7.45 -20.14
N GLU B 58 -2.60 6.79 -20.40
CA GLU B 58 -3.91 7.37 -20.09
C GLU B 58 -4.27 7.21 -18.63
N GLY B 59 -3.40 6.55 -17.87
CA GLY B 59 -3.55 6.26 -16.46
C GLY B 59 -4.76 5.41 -16.12
N LYS B 60 -5.16 4.52 -17.04
CA LYS B 60 -6.37 3.74 -16.78
C LYS B 60 -6.12 2.58 -15.82
N LEU B 61 -4.87 2.21 -15.63
CA LEU B 61 -4.42 1.15 -14.74
C LEU B 61 -3.91 1.75 -13.43
N PRO B 62 -4.13 1.13 -12.30
CA PRO B 62 -3.75 1.77 -11.04
C PRO B 62 -2.23 1.90 -10.92
N GLY B 63 -1.82 3.12 -10.67
CA GLY B 63 -0.43 3.50 -10.52
C GLY B 63 0.02 3.39 -9.08
N LYS B 64 1.29 3.08 -8.91
CA LYS B 64 1.89 2.91 -7.59
C LYS B 64 3.38 3.17 -7.70
N SER B 65 3.97 3.81 -6.69
CA SER B 65 5.41 4.05 -6.88
C SER B 65 6.12 2.71 -6.90
N GLY B 66 7.03 2.58 -7.85
CA GLY B 66 7.75 1.34 -8.02
C GLY B 66 7.03 0.31 -8.86
N ARG B 67 5.84 0.63 -9.35
CA ARG B 67 5.04 -0.28 -10.12
C ARG B 67 5.17 -0.10 -11.64
N THR B 68 5.52 -1.17 -12.32
CA THR B 68 5.66 -1.39 -13.73
C THR B 68 4.54 -2.28 -14.27
N TRP B 69 4.04 -1.93 -15.45
CA TRP B 69 3.03 -2.70 -16.15
C TRP B 69 3.60 -3.31 -17.43
N ARG B 70 3.21 -4.53 -17.66
CA ARG B 70 3.53 -5.27 -18.87
C ARG B 70 2.25 -5.90 -19.42
N GLU B 71 2.35 -6.27 -20.69
CA GLU B 71 1.23 -6.76 -21.47
C GLU B 71 1.62 -8.04 -22.21
N ALA B 72 0.62 -8.83 -22.51
CA ALA B 72 0.73 -10.07 -23.26
C ALA B 72 -0.58 -10.26 -24.03
N ASP B 73 -0.41 -10.73 -25.27
CA ASP B 73 -1.58 -11.01 -26.09
C ASP B 73 -2.32 -12.24 -25.57
N ILE B 74 -3.63 -12.20 -25.64
CA ILE B 74 -4.44 -13.34 -25.20
C ILE B 74 -5.30 -13.83 -26.36
N ASN B 75 -5.53 -15.13 -26.38
CA ASN B 75 -6.38 -15.79 -27.35
C ASN B 75 -5.86 -15.68 -28.79
N TYR B 76 -4.57 -15.46 -28.97
CA TYR B 76 -4.04 -15.41 -30.33
C TYR B 76 -3.70 -16.81 -30.82
N THR B 77 -4.03 -17.11 -32.07
CA THR B 77 -3.59 -18.30 -32.77
C THR B 77 -2.96 -17.94 -34.11
N SER B 78 -3.60 -17.09 -34.91
CA SER B 78 -3.01 -16.73 -36.19
C SER B 78 -3.53 -15.39 -36.66
N GLY B 79 -2.87 -14.80 -37.65
CA GLY B 79 -3.38 -13.57 -38.21
C GLY B 79 -2.78 -12.32 -37.61
N PHE B 80 -3.48 -11.23 -37.88
CA PHE B 80 -3.23 -9.94 -37.28
C PHE B 80 -3.48 -10.06 -35.79
N ARG B 81 -2.79 -9.29 -34.96
CA ARG B 81 -3.08 -9.37 -33.52
C ARG B 81 -4.51 -8.96 -33.24
N ASN B 82 -5.11 -9.56 -32.23
CA ASN B 82 -6.52 -9.32 -31.94
C ASN B 82 -6.63 -8.15 -30.98
N SER B 83 -7.77 -7.99 -30.30
CA SER B 83 -7.85 -6.86 -29.36
C SER B 83 -7.72 -7.26 -27.89
N ASP B 84 -7.43 -8.52 -27.57
CA ASP B 84 -7.30 -9.06 -26.24
C ASP B 84 -5.89 -9.03 -25.66
N ARG B 85 -5.80 -8.47 -24.46
CA ARG B 85 -4.53 -8.41 -23.76
C ARG B 85 -4.72 -8.61 -22.26
N ILE B 86 -3.69 -9.24 -21.71
CA ILE B 86 -3.55 -9.27 -20.25
C ILE B 86 -2.52 -8.23 -19.84
N LEU B 87 -2.79 -7.54 -18.74
CA LEU B 87 -1.95 -6.47 -18.22
C LEU B 87 -1.52 -6.90 -16.83
N TYR B 88 -0.21 -6.97 -16.59
CA TYR B 88 0.21 -7.47 -15.29
C TYR B 88 1.26 -6.51 -14.71
N SER B 89 1.12 -6.28 -13.41
CA SER B 89 2.03 -5.33 -12.77
C SER B 89 3.13 -6.06 -12.00
N SER B 90 4.09 -5.25 -11.60
CA SER B 90 5.27 -5.58 -10.83
C SER B 90 4.91 -6.32 -9.54
N ASP B 91 3.77 -5.95 -8.96
CA ASP B 91 3.26 -6.57 -7.75
C ASP B 91 2.04 -7.45 -8.00
N TRP B 92 1.88 -7.96 -9.20
CA TRP B 92 1.01 -9.05 -9.60
C TRP B 92 -0.47 -8.81 -9.44
N LEU B 93 -0.88 -7.57 -9.61
CA LEU B 93 -2.19 -7.18 -10.05
C LEU B 93 -2.32 -7.57 -11.55
N ILE B 94 -3.45 -8.15 -11.87
CA ILE B 94 -3.73 -8.59 -13.21
C ILE B 94 -5.07 -8.03 -13.71
N TYR B 95 -4.98 -7.36 -14.86
CA TYR B 95 -6.12 -6.79 -15.56
C TYR B 95 -6.24 -7.43 -16.94
N LYS B 96 -7.43 -7.30 -17.49
CA LYS B 96 -7.60 -7.71 -18.88
C LYS B 96 -8.27 -6.59 -19.69
N THR B 97 -8.01 -6.62 -20.98
CA THR B 97 -8.71 -5.74 -21.92
C THR B 97 -9.07 -6.58 -23.14
N THR B 98 -10.25 -6.34 -23.66
CA THR B 98 -10.68 -6.99 -24.89
C THR B 98 -10.99 -5.94 -25.96
N ASP B 99 -10.60 -4.70 -25.75
CA ASP B 99 -10.95 -3.68 -26.75
C ASP B 99 -9.75 -2.82 -27.10
N HIS B 100 -8.59 -3.45 -27.23
CA HIS B 100 -7.38 -2.72 -27.53
C HIS B 100 -7.11 -1.60 -26.53
N TYR B 101 -7.13 -1.91 -25.25
CA TYR B 101 -6.67 -1.04 -24.18
C TYR B 101 -7.57 0.17 -23.97
N GLN B 102 -8.80 0.11 -24.46
CA GLN B 102 -9.71 1.22 -24.20
C GLN B 102 -10.32 1.11 -22.82
N THR B 103 -10.68 -0.12 -22.41
CA THR B 103 -11.15 -0.35 -21.06
C THR B 103 -10.49 -1.60 -20.45
N PHE B 104 -10.43 -1.59 -19.13
CA PHE B 104 -9.82 -2.68 -18.40
C PHE B 104 -10.69 -3.19 -17.26
N THR B 105 -10.51 -4.47 -16.98
CA THR B 105 -11.20 -5.16 -15.91
C THR B 105 -10.17 -5.90 -15.06
N LYS B 106 -10.24 -5.68 -13.76
CA LYS B 106 -9.37 -6.39 -12.84
C LYS B 106 -9.77 -7.85 -12.71
N ILE B 107 -8.84 -8.78 -12.88
CA ILE B 107 -9.17 -10.19 -12.73
C ILE B 107 -8.32 -10.93 -11.69
N ARG B 108 -7.24 -10.35 -11.17
CA ARG B 108 -6.54 -10.91 -10.02
C ARG B 108 -5.98 -9.76 -9.16
N VAL C 1 -15.18 -9.52 9.75
CA VAL C 1 -16.18 -8.91 8.90
C VAL C 1 -17.42 -8.44 9.69
N ILE C 2 -17.80 -7.20 9.46
CA ILE C 2 -18.93 -6.47 10.00
C ILE C 2 -18.80 -5.01 9.53
N ASN C 3 -19.94 -4.42 9.20
CA ASN C 3 -19.94 -3.07 8.62
C ASN C 3 -21.17 -2.27 9.10
N THR C 4 -21.72 -2.66 10.24
CA THR C 4 -22.84 -1.95 10.84
C THR C 4 -22.35 -1.03 11.94
N PHE C 5 -23.12 0.01 12.26
CA PHE C 5 -22.70 0.93 13.32
C PHE C 5 -22.38 0.21 14.63
N ASP C 6 -23.27 -0.65 15.12
CA ASP C 6 -23.00 -1.23 16.44
C ASP C 6 -21.88 -2.25 16.47
N GLY C 7 -21.90 -3.12 15.47
CA GLY C 7 -20.91 -4.15 15.27
C GLY C 7 -19.51 -3.57 15.15
N VAL C 8 -19.36 -2.53 14.34
CA VAL C 8 -18.04 -1.93 14.22
C VAL C 8 -17.68 -1.21 15.51
N ALA C 9 -18.64 -0.49 16.10
CA ALA C 9 -18.36 0.16 17.38
C ALA C 9 -17.96 -0.86 18.46
N ASP C 10 -18.68 -1.97 18.55
CA ASP C 10 -18.26 -2.94 19.56
C ASP C 10 -16.87 -3.49 19.28
N TYR C 11 -16.60 -3.87 18.04
CA TYR C 11 -15.31 -4.41 17.64
C TYR C 11 -14.18 -3.46 17.96
N LEU C 12 -14.37 -2.17 17.67
CA LEU C 12 -13.30 -1.22 17.93
C LEU C 12 -13.00 -1.10 19.42
N GLN C 13 -14.00 -1.12 20.29
CA GLN C 13 -13.72 -0.88 21.70
C GLN C 13 -13.05 -2.06 22.41
N THR C 14 -13.40 -3.28 22.05
CA THR C 14 -12.80 -4.52 22.49
C THR C 14 -11.40 -4.73 21.92
N TYR C 15 -11.29 -4.75 20.59
CA TYR C 15 -10.08 -5.15 19.90
C TYR C 15 -9.25 -3.98 19.42
N HIS C 16 -9.74 -2.75 19.46
CA HIS C 16 -8.92 -1.59 19.17
C HIS C 16 -8.40 -1.58 17.73
N LYS C 17 -9.23 -2.07 16.83
CA LYS C 17 -8.88 -1.97 15.42
C LYS C 17 -10.13 -2.30 14.63
N LEU C 18 -10.15 -1.86 13.38
CA LEU C 18 -11.30 -2.21 12.53
C LEU C 18 -11.33 -3.68 12.18
N PRO C 19 -12.50 -4.25 11.92
CA PRO C 19 -12.57 -5.60 11.39
C PRO C 19 -11.79 -5.70 10.08
N ASP C 20 -11.56 -6.95 9.68
CA ASP C 20 -10.66 -7.33 8.61
C ASP C 20 -11.15 -6.86 7.25
N ASN C 21 -12.41 -6.44 7.16
CA ASN C 21 -12.98 -6.08 5.88
C ASN C 21 -12.67 -4.63 5.52
N TYR C 22 -11.88 -3.95 6.34
CA TYR C 22 -11.59 -2.54 6.15
C TYR C 22 -10.19 -2.34 5.57
N ILE C 23 -10.15 -1.43 4.60
CA ILE C 23 -8.93 -1.01 3.93
C ILE C 23 -8.87 0.51 3.86
N THR C 24 -7.69 1.10 4.03
CA THR C 24 -7.61 2.55 3.96
C THR C 24 -7.71 2.97 2.50
N LYS C 25 -7.88 4.26 2.26
CA LYS C 25 -7.97 4.78 0.90
C LYS C 25 -6.69 4.50 0.13
N SER C 26 -5.55 4.52 0.83
CA SER C 26 -4.27 4.28 0.21
C SER C 26 -4.15 2.86 -0.35
N GLU C 27 -4.49 1.88 0.47
CA GLU C 27 -4.55 0.47 0.15
C GLU C 27 -5.58 0.26 -0.95
N ALA C 28 -6.76 0.87 -0.84
CA ALA C 28 -7.79 0.63 -1.86
C ALA C 28 -7.33 1.11 -3.24
N GLN C 29 -6.71 2.28 -3.21
CA GLN C 29 -6.17 2.88 -4.42
C GLN C 29 -5.16 1.96 -5.12
N ALA C 30 -4.21 1.45 -4.35
CA ALA C 30 -3.19 0.54 -4.81
C ALA C 30 -3.81 -0.71 -5.45
N LEU C 31 -4.96 -1.10 -4.94
CA LEU C 31 -5.65 -2.28 -5.37
C LEU C 31 -6.55 -2.05 -6.58
N GLY C 32 -6.64 -0.82 -7.05
CA GLY C 32 -7.42 -0.54 -8.25
C GLY C 32 -8.63 0.34 -8.06
N TRP C 33 -8.83 0.81 -6.83
CA TRP C 33 -9.89 1.75 -6.52
C TRP C 33 -9.59 3.12 -7.14
N VAL C 34 -10.39 3.68 -7.97
CA VAL C 34 -10.86 4.82 -8.67
C VAL C 34 -12.24 5.31 -8.23
N ALA C 35 -12.18 6.29 -7.32
CA ALA C 35 -13.35 6.90 -6.71
C ALA C 35 -14.38 7.33 -7.74
N SER C 36 -13.96 7.93 -8.84
CA SER C 36 -14.86 8.49 -9.83
C SER C 36 -15.61 7.39 -10.58
N LYS C 37 -15.12 6.15 -10.42
CA LYS C 37 -15.80 5.06 -11.12
C LYS C 37 -16.70 4.27 -10.19
N GLY C 38 -16.71 4.60 -8.90
CA GLY C 38 -17.60 3.89 -8.00
C GLY C 38 -17.42 2.40 -8.02
N ASN C 39 -16.19 1.97 -8.22
CA ASN C 39 -15.85 0.54 -8.42
C ASN C 39 -15.30 -0.26 -7.24
N LEU C 40 -15.39 0.21 -6.01
CA LEU C 40 -14.69 -0.43 -4.89
C LEU C 40 -15.03 -1.92 -4.83
N ALA C 41 -16.31 -2.23 -4.98
CA ALA C 41 -16.73 -3.62 -4.85
C ALA C 41 -16.25 -4.49 -6.02
N ASP C 42 -15.87 -3.90 -7.13
CA ASP C 42 -15.36 -4.61 -8.29
C ASP C 42 -13.90 -5.01 -8.08
N VAL C 43 -13.14 -4.12 -7.46
CA VAL C 43 -11.71 -4.42 -7.30
C VAL C 43 -11.39 -5.00 -5.93
N ALA C 44 -12.29 -4.83 -4.97
CA ALA C 44 -12.08 -5.37 -3.63
C ALA C 44 -13.38 -5.85 -3.03
N PRO C 45 -13.93 -6.93 -3.59
CA PRO C 45 -15.24 -7.40 -3.13
C PRO C 45 -15.24 -7.67 -1.62
N GLY C 46 -16.31 -7.21 -0.97
CA GLY C 46 -16.51 -7.33 0.45
C GLY C 46 -15.75 -6.33 1.31
N LYS C 47 -14.96 -5.47 0.70
CA LYS C 47 -14.18 -4.46 1.39
C LYS C 47 -14.89 -3.13 1.50
N SER C 48 -14.54 -2.39 2.54
CA SER C 48 -15.02 -1.05 2.85
C SER C 48 -13.83 -0.16 3.16
N ILE C 49 -13.99 1.12 2.88
CA ILE C 49 -12.95 2.10 3.21
C ILE C 49 -13.00 2.43 4.69
N GLY C 50 -11.85 2.43 5.35
CA GLY C 50 -11.84 2.82 6.75
C GLY C 50 -10.44 2.74 7.32
N GLY C 51 -10.22 3.56 8.35
CA GLY C 51 -8.95 3.59 9.06
C GLY C 51 -8.21 4.90 8.93
N ASP C 52 -8.68 5.76 8.02
CA ASP C 52 -8.01 7.01 7.74
C ASP C 52 -8.34 8.10 8.77
N ILE C 53 -7.38 9.00 8.96
CA ILE C 53 -7.44 10.12 9.88
C ILE C 53 -8.52 11.11 9.42
N PHE C 54 -9.30 11.57 10.39
CA PHE C 54 -10.34 12.56 10.20
C PHE C 54 -9.91 13.86 10.87
N SER C 55 -9.97 14.96 10.13
CA SER C 55 -9.42 16.22 10.63
C SER C 55 -10.25 16.88 11.70
N ASN C 56 -11.58 16.80 11.68
CA ASN C 56 -12.35 17.53 12.69
C ASN C 56 -12.04 19.02 12.57
N ARG C 57 -11.98 19.55 11.36
CA ARG C 57 -11.68 20.97 11.21
C ARG C 57 -12.70 21.89 11.85
N GLU C 58 -13.96 21.50 11.96
CA GLU C 58 -14.96 22.46 12.44
C GLU C 58 -15.27 22.34 13.93
N GLY C 59 -14.45 21.59 14.64
CA GLY C 59 -14.56 21.33 16.06
C GLY C 59 -15.84 20.63 16.50
N LYS C 60 -16.49 19.92 15.59
CA LYS C 60 -17.76 19.26 15.84
C LYS C 60 -17.62 18.03 16.74
N LEU C 61 -16.49 17.31 16.68
CA LEU C 61 -16.25 16.24 17.64
C LEU C 61 -15.38 16.77 18.79
N PRO C 62 -15.61 16.25 19.99
CA PRO C 62 -14.85 16.74 21.15
C PRO C 62 -13.35 16.54 20.90
N GLY C 63 -12.60 17.59 21.20
CA GLY C 63 -11.18 17.68 20.98
C GLY C 63 -10.43 17.61 22.29
N LYS C 64 -9.26 16.98 22.25
CA LYS C 64 -8.41 16.90 23.43
C LYS C 64 -6.98 16.72 22.93
N SER C 65 -6.04 17.30 23.67
CA SER C 65 -4.64 17.18 23.31
C SER C 65 -4.25 15.70 23.27
N GLY C 66 -3.65 15.28 22.16
CA GLY C 66 -3.21 13.92 21.96
C GLY C 66 -4.30 13.01 21.44
N ARG C 67 -5.49 13.56 21.17
CA ARG C 67 -6.60 12.80 20.64
C ARG C 67 -6.64 12.94 19.11
N THR C 68 -6.54 11.83 18.42
CA THR C 68 -6.74 11.74 16.99
C THR C 68 -8.04 11.00 16.68
N TRP C 69 -8.69 11.42 15.60
CA TRP C 69 -9.92 10.81 15.14
C TRP C 69 -9.66 10.06 13.83
N ARG C 70 -10.30 8.90 13.72
CA ARG C 70 -10.27 8.18 12.45
C ARG C 70 -11.71 7.90 12.04
N GLU C 71 -11.89 7.56 10.77
CA GLU C 71 -13.24 7.26 10.29
C GLU C 71 -13.23 5.93 9.55
N ALA C 72 -14.41 5.37 9.38
CA ALA C 72 -14.62 4.15 8.64
C ALA C 72 -15.99 4.24 8.00
N ASP C 73 -16.14 3.73 6.80
CA ASP C 73 -17.44 3.65 6.15
C ASP C 73 -18.32 2.57 6.79
N ILE C 74 -19.62 2.83 6.87
CA ILE C 74 -20.61 1.92 7.43
C ILE C 74 -21.69 1.63 6.41
N ASN C 75 -22.21 0.42 6.39
CA ASN C 75 -23.28 0.01 5.48
C ASN C 75 -22.87 0.07 4.02
N TYR C 76 -21.58 0.12 3.70
CA TYR C 76 -21.19 0.09 2.30
C TYR C 76 -21.38 -1.34 1.76
N THR C 77 -21.96 -1.48 0.58
CA THR C 77 -22.04 -2.77 -0.11
C THR C 77 -21.34 -2.70 -1.45
N SER C 78 -21.83 -1.83 -2.32
CA SER C 78 -21.24 -1.64 -3.65
C SER C 78 -21.57 -0.26 -4.22
N GLY C 79 -20.85 0.15 -5.26
CA GLY C 79 -21.06 1.43 -5.89
C GLY C 79 -20.25 2.54 -5.25
N PHE C 80 -20.69 3.78 -5.47
CA PHE C 80 -20.08 4.93 -4.83
C PHE C 80 -20.26 4.83 -3.32
N ARG C 81 -19.34 5.43 -2.59
CA ARG C 81 -19.44 5.46 -1.14
C ARG C 81 -20.67 6.24 -0.71
N ASN C 82 -21.27 5.82 0.40
CA ASN C 82 -22.49 6.45 0.88
C ASN C 82 -22.17 7.62 1.80
N SER C 83 -23.13 8.03 2.63
CA SER C 83 -22.98 9.10 3.58
C SER C 83 -22.76 8.66 5.01
N ASP C 84 -22.69 7.38 5.30
CA ASP C 84 -22.55 6.81 6.63
C ASP C 84 -21.10 6.57 7.02
N ARG C 85 -20.74 7.15 8.18
CA ARG C 85 -19.39 6.97 8.70
C ARG C 85 -19.40 6.78 10.20
N ILE C 86 -18.48 5.93 10.65
CA ILE C 86 -18.25 5.84 12.10
C ILE C 86 -16.98 6.65 12.35
N LEU C 87 -16.96 7.42 13.42
CA LEU C 87 -15.84 8.21 13.85
C LEU C 87 -15.36 7.69 15.21
N TYR C 88 -14.07 7.43 15.32
CA TYR C 88 -13.56 6.82 16.54
C TYR C 88 -12.25 7.51 16.92
N SER C 89 -12.16 7.88 18.20
CA SER C 89 -10.92 8.48 18.71
C SER C 89 -9.96 7.43 19.25
N SER C 90 -8.73 7.92 19.41
CA SER C 90 -7.66 7.11 19.97
C SER C 90 -7.94 6.74 21.42
N ASP C 91 -8.87 7.41 22.09
CA ASP C 91 -9.29 7.01 23.44
C ASP C 91 -10.70 6.42 23.45
N TRP C 92 -11.14 5.99 22.29
CA TRP C 92 -12.29 5.13 22.08
C TRP C 92 -13.66 5.70 22.38
N LEU C 93 -13.82 7.01 22.18
CA LEU C 93 -15.09 7.65 21.92
C LEU C 93 -15.55 7.23 20.51
N ILE C 94 -16.80 6.88 20.35
CA ILE C 94 -17.30 6.50 19.04
C ILE C 94 -18.50 7.38 18.71
N TYR C 95 -18.44 8.04 17.56
CA TYR C 95 -19.51 8.85 17.02
C TYR C 95 -19.94 8.32 15.64
N LYS C 96 -21.16 8.65 15.27
CA LYS C 96 -21.65 8.31 13.95
C LYS C 96 -22.13 9.56 13.22
N THR C 97 -22.07 9.43 11.90
CA THR C 97 -22.69 10.39 11.02
C THR C 97 -23.39 9.65 9.87
N THR C 98 -24.51 10.25 9.44
CA THR C 98 -25.28 9.69 8.34
C THR C 98 -25.46 10.73 7.25
N ASP C 99 -24.74 11.85 7.41
CA ASP C 99 -24.95 12.94 6.47
C ASP C 99 -23.64 13.53 5.98
N HIS C 100 -22.66 12.66 5.77
CA HIS C 100 -21.40 13.10 5.18
C HIS C 100 -20.67 14.12 6.03
N TYR C 101 -20.50 13.79 7.28
CA TYR C 101 -19.85 14.52 8.34
C TYR C 101 -20.56 15.84 8.61
N GLN C 102 -21.86 16.01 8.35
CA GLN C 102 -22.43 17.32 8.70
C GLN C 102 -22.82 17.38 10.17
N THR C 103 -23.44 16.33 10.68
CA THR C 103 -23.73 16.24 12.10
C THR C 103 -23.20 14.90 12.65
N PHE C 104 -23.02 14.82 13.97
CA PHE C 104 -22.53 13.61 14.61
C PHE C 104 -23.35 13.25 15.84
N THR C 105 -23.46 11.96 16.11
CA THR C 105 -24.10 11.42 17.29
C THR C 105 -23.17 10.47 18.03
N LYS C 106 -23.03 10.72 19.33
CA LYS C 106 -22.25 9.80 20.14
C LYS C 106 -22.97 8.45 20.27
N ILE C 107 -22.28 7.35 20.00
CA ILE C 107 -22.87 6.03 20.20
C ILE C 107 -22.07 5.18 21.17
N ARG C 108 -20.86 5.56 21.56
CA ARG C 108 -20.11 4.90 22.62
C ARG C 108 -19.25 5.95 23.36
OB1 BRJ D . 3.79 -16.26 -44.81
CB1 BRJ D . 4.75 -16.76 -43.82
CB BRJ D . 5.81 -15.70 -43.77
BR1 BRJ D . 6.31 -14.10 -44.64
OB1 BRJ E . -6.18 -7.58 -5.61
CB1 BRJ E . -6.34 -7.54 -3.96
CB BRJ E . -7.74 -7.08 -3.68
BR1 BRJ E . -9.33 -7.67 -2.83
#